data_3UBK
#
_entry.id   3UBK
#
_cell.length_a   82.843
_cell.length_b   82.843
_cell.length_c   175.608
_cell.angle_alpha   90.00
_cell.angle_beta   90.00
_cell.angle_gamma   90.00
#
_symmetry.space_group_name_H-M   'P 43 2 2'
#
loop_
_entity.id
_entity.type
_entity.pdbx_description
1 polymer 'Glutathione transferase'
2 non-polymer 'SULFATE ION'
3 non-polymer GLYCEROL
4 non-polymer 'CHLORIDE ION'
5 water water
#
_entity_poly.entity_id   1
_entity_poly.type   'polypeptide(L)'
_entity_poly.pdbx_seq_one_letter_code
;MVMIKLHGASISNYVNKVKLGILEKGLEYEQIRIAPSQEEDFLKISPMGKIPVLEMDGKFIFESGAILEFLDTIFPQTPK
LIPEDPWEAARVREISTIIETYLDIPARRIYLPAAKVSPEIVEEVHSTLVKGIKALQRVVRFSPYIAGNVFTLADCSGFA
HLSVLDEELRPFYPNNHPLDLLNGWKEYFVFMKTKAGPALVEKDKQILKKILARAKTKIGAENLYFQSHHHHHHWSHPQF
EK
;
_entity_poly.pdbx_strand_id   A,B
#
# COMPACT_ATOMS: atom_id res chain seq x y z
N VAL A 2 12.79 -22.15 15.31
CA VAL A 2 12.82 -20.74 14.85
C VAL A 2 11.41 -20.16 14.81
N MET A 3 11.20 -19.08 15.54
CA MET A 3 9.89 -18.47 15.67
C MET A 3 9.33 -17.93 14.36
N ILE A 4 10.18 -17.25 13.59
CA ILE A 4 9.77 -16.55 12.39
C ILE A 4 10.17 -17.29 11.13
N LYS A 5 9.19 -17.58 10.28
CA LYS A 5 9.50 -18.15 8.98
C LYS A 5 9.07 -17.18 7.90
N LEU A 6 9.99 -16.85 7.00
CA LEU A 6 9.70 -15.99 5.86
C LEU A 6 9.67 -16.80 4.57
N HIS A 7 8.49 -16.96 3.99
CA HIS A 7 8.34 -17.72 2.74
C HIS A 7 8.52 -16.80 1.57
N GLY A 8 9.48 -17.13 0.70
CA GLY A 8 9.73 -16.34 -0.51
C GLY A 8 11.22 -16.25 -0.81
N ALA A 9 11.55 -16.19 -2.10
CA ALA A 9 12.95 -16.22 -2.54
C ALA A 9 13.60 -14.84 -2.54
N SER A 10 14.93 -14.83 -2.48
CA SER A 10 15.68 -13.59 -2.33
C SER A 10 15.75 -12.76 -3.60
N ILE A 11 15.14 -13.23 -4.68
CA ILE A 11 15.07 -12.42 -5.89
C ILE A 11 13.87 -11.47 -5.89
N SER A 12 12.92 -11.69 -4.98
CA SER A 12 11.78 -10.78 -4.85
C SER A 12 12.13 -9.53 -4.04
N ASN A 13 11.87 -8.35 -4.59
CA ASN A 13 12.10 -7.13 -3.82
C ASN A 13 11.16 -6.96 -2.60
N TYR A 14 9.96 -7.53 -2.67
CA TYR A 14 9.05 -7.49 -1.53
C TYR A 14 9.50 -8.42 -0.40
N VAL A 15 10.08 -9.56 -0.76
CA VAL A 15 10.70 -10.43 0.24
C VAL A 15 11.85 -9.67 0.88
N ASN A 16 12.66 -9.04 0.04
CA ASN A 16 13.84 -8.35 0.52
C ASN A 16 13.50 -7.16 1.40
N LYS A 17 12.44 -6.43 1.04
CA LYS A 17 11.92 -5.38 1.91
C LYS A 17 11.70 -5.89 3.35
N VAL A 18 11.03 -7.03 3.48
CA VAL A 18 10.76 -7.61 4.80
C VAL A 18 12.05 -8.08 5.49
N LYS A 19 12.91 -8.72 4.70
CA LYS A 19 14.17 -9.26 5.19
C LYS A 19 15.07 -8.16 5.79
N LEU A 20 15.12 -7.01 5.13
CA LEU A 20 15.87 -5.88 5.65
C LEU A 20 15.44 -5.48 7.07
N GLY A 21 14.13 -5.47 7.30
CA GLY A 21 13.58 -5.10 8.60
C GLY A 21 13.90 -6.14 9.66
N ILE A 22 13.73 -7.42 9.31
CA ILE A 22 14.05 -8.52 10.23
C ILE A 22 15.54 -8.49 10.62
N LEU A 23 16.42 -8.34 9.64
CA LEU A 23 17.86 -8.34 9.88
C LEU A 23 18.27 -7.16 10.72
N GLU A 24 17.69 -5.99 10.44
CA GLU A 24 18.11 -4.79 11.13
C GLU A 24 17.77 -4.81 12.63
N LYS A 25 16.62 -5.42 12.97
CA LYS A 25 16.22 -5.63 14.35
C LYS A 25 17.00 -6.77 15.01
N GLY A 26 17.65 -7.59 14.20
CA GLY A 26 18.43 -8.70 14.71
C GLY A 26 17.57 -9.90 15.07
N LEU A 27 16.41 -10.03 14.43
CA LEU A 27 15.52 -11.15 14.73
C LEU A 27 16.05 -12.42 14.06
N GLU A 28 15.84 -13.57 14.70
CA GLU A 28 16.14 -14.84 14.06
C GLU A 28 14.96 -15.29 13.19
N TYR A 29 15.26 -15.82 12.02
CA TYR A 29 14.22 -16.27 11.09
C TYR A 29 14.78 -17.40 10.22
N GLU A 30 13.88 -18.17 9.62
CA GLU A 30 14.29 -19.04 8.53
C GLU A 30 13.60 -18.59 7.25
N GLN A 31 14.37 -18.52 6.16
CA GLN A 31 13.78 -18.18 4.89
C GLN A 31 13.51 -19.45 4.09
N ILE A 32 12.25 -19.61 3.68
CA ILE A 32 11.81 -20.77 2.92
C ILE A 32 11.62 -20.34 1.47
N ARG A 33 12.48 -20.84 0.61
CA ARG A 33 12.51 -20.40 -0.77
C ARG A 33 11.40 -21.09 -1.54
N ILE A 34 10.43 -20.30 -1.95
CA ILE A 34 9.41 -20.75 -2.86
C ILE A 34 9.16 -19.62 -3.83
N ALA A 35 8.45 -19.94 -4.90
CA ALA A 35 8.03 -18.96 -5.89
C ALA A 35 6.53 -18.72 -5.72
N PRO A 36 6.02 -17.61 -6.26
CA PRO A 36 4.58 -17.40 -6.23
C PRO A 36 3.87 -18.64 -6.79
N SER A 37 2.59 -18.80 -6.46
CA SER A 37 1.87 -20.00 -6.88
C SER A 37 0.35 -19.86 -6.65
N GLN A 38 -0.43 -20.49 -7.53
CA GLN A 38 -1.89 -20.46 -7.40
C GLN A 38 -2.45 -21.81 -6.92
N GLU A 39 -1.57 -22.72 -6.51
CA GLU A 39 -2.01 -23.97 -5.89
C GLU A 39 -2.92 -23.68 -4.70
N GLU A 40 -4.03 -24.40 -4.62
CA GLU A 40 -5.01 -24.21 -3.56
C GLU A 40 -4.35 -24.33 -2.17
N ASP A 41 -3.26 -25.08 -2.11
CA ASP A 41 -2.51 -25.27 -0.88
C ASP A 41 -1.87 -23.95 -0.42
N PHE A 42 -1.28 -23.26 -1.38
CA PHE A 42 -0.64 -21.97 -1.13
C PHE A 42 -1.67 -20.86 -0.91
N LEU A 43 -2.71 -20.84 -1.74
CA LEU A 43 -3.74 -19.80 -1.64
C LEU A 43 -4.39 -19.77 -0.26
N LYS A 44 -4.33 -20.89 0.44
CA LYS A 44 -4.88 -20.96 1.78
C LYS A 44 -4.10 -20.09 2.78
N ILE A 45 -2.80 -19.88 2.50
CA ILE A 45 -1.97 -19.05 3.38
C ILE A 45 -1.63 -17.71 2.73
N SER A 46 -1.77 -17.66 1.40
CA SER A 46 -1.47 -16.46 0.62
C SER A 46 -2.47 -16.32 -0.51
N PRO A 47 -3.65 -15.77 -0.19
CA PRO A 47 -4.83 -15.65 -1.06
C PRO A 47 -4.56 -15.22 -2.51
N MET A 48 -3.61 -14.32 -2.73
CA MET A 48 -3.28 -13.84 -4.09
C MET A 48 -2.16 -14.64 -4.74
N GLY A 49 -1.59 -15.60 -4.00
CA GLY A 49 -0.48 -16.39 -4.52
C GLY A 49 0.84 -15.62 -4.54
N LYS A 50 0.96 -14.61 -3.69
CA LYS A 50 2.15 -13.76 -3.67
C LYS A 50 3.14 -14.17 -2.60
N ILE A 51 4.37 -13.69 -2.74
CA ILE A 51 5.36 -13.74 -1.68
C ILE A 51 5.75 -12.30 -1.40
N PRO A 52 6.21 -12.01 -0.17
CA PRO A 52 6.46 -12.90 0.96
C PRO A 52 5.22 -13.23 1.78
N VAL A 53 5.31 -14.34 2.51
CA VAL A 53 4.35 -14.66 3.56
C VAL A 53 5.17 -14.84 4.83
N LEU A 54 4.73 -14.22 5.92
CA LEU A 54 5.35 -14.44 7.23
C LEU A 54 4.56 -15.49 7.99
N GLU A 55 5.26 -16.47 8.54
CA GLU A 55 4.62 -17.47 9.39
C GLU A 55 5.14 -17.37 10.81
N MET A 56 4.24 -17.24 11.77
CA MET A 56 4.55 -17.36 13.20
C MET A 56 3.40 -18.11 13.87
N ASP A 57 3.72 -18.93 14.86
CA ASP A 57 2.68 -19.63 15.62
C ASP A 57 1.55 -20.15 14.72
N GLY A 58 1.91 -20.88 13.66
CA GLY A 58 0.93 -21.41 12.71
C GLY A 58 0.01 -20.37 12.09
N LYS A 59 0.31 -19.10 12.30
CA LYS A 59 -0.46 -18.02 11.70
C LYS A 59 0.32 -17.35 10.57
N PHE A 60 -0.40 -16.89 9.55
CA PHE A 60 0.24 -16.37 8.35
C PHE A 60 -0.16 -14.94 8.04
N ILE A 61 0.81 -14.11 7.68
CA ILE A 61 0.54 -12.76 7.20
C ILE A 61 1.15 -12.62 5.80
N PHE A 62 0.37 -12.13 4.84
CA PHE A 62 0.75 -12.30 3.41
C PHE A 62 0.86 -11.04 2.57
N GLU A 63 1.07 -9.90 3.19
CA GLU A 63 1.35 -8.66 2.46
CA GLU A 63 1.37 -8.68 2.44
C GLU A 63 2.51 -7.96 3.16
N SER A 64 3.52 -7.57 2.39
CA SER A 64 4.78 -7.07 2.94
C SER A 64 4.62 -5.88 3.88
N GLY A 65 3.75 -4.94 3.51
CA GLY A 65 3.45 -3.81 4.42
C GLY A 65 2.87 -4.26 5.75
N ALA A 66 1.83 -5.09 5.70
CA ALA A 66 1.24 -5.62 6.95
C ALA A 66 2.23 -6.45 7.76
N ILE A 67 3.07 -7.24 7.08
CA ILE A 67 4.14 -7.98 7.77
C ILE A 67 5.07 -7.05 8.57
N LEU A 68 5.61 -6.02 7.94
CA LEU A 68 6.54 -5.13 8.63
C LEU A 68 5.88 -4.28 9.73
N GLU A 69 4.61 -3.89 9.54
CA GLU A 69 3.89 -3.17 10.59
C GLU A 69 3.67 -4.10 11.78
N PHE A 70 3.40 -5.36 11.47
CA PHE A 70 3.19 -6.38 12.51
C PHE A 70 4.48 -6.63 13.32
N LEU A 71 5.57 -6.90 12.61
CA LEU A 71 6.84 -7.18 13.26
C LEU A 71 7.29 -5.99 14.11
N ASP A 72 7.05 -4.78 13.63
CA ASP A 72 7.42 -3.59 14.39
C ASP A 72 6.57 -3.42 15.65
N THR A 73 5.33 -3.90 15.62
CA THR A 73 4.44 -3.83 16.76
C THR A 73 4.87 -4.85 17.82
N ILE A 74 5.01 -6.11 17.41
CA ILE A 74 5.36 -7.13 18.38
C ILE A 74 6.84 -7.18 18.78
N PHE A 75 7.73 -6.76 17.87
CA PHE A 75 9.15 -6.66 18.21
C PHE A 75 9.65 -5.22 18.09
N PRO A 76 9.29 -4.37 19.08
CA PRO A 76 9.54 -2.93 18.97
C PRO A 76 11.00 -2.52 19.25
N GLN A 77 11.88 -3.50 19.48
CA GLN A 77 13.31 -3.21 19.65
C GLN A 77 13.87 -2.47 18.45
N THR A 78 14.95 -1.73 18.68
CA THR A 78 15.51 -0.87 17.65
CA THR A 78 15.56 -0.86 17.66
C THR A 78 15.94 -1.64 16.39
N PRO A 79 15.76 -1.03 15.21
CA PRO A 79 15.16 0.28 15.01
C PRO A 79 13.65 0.16 14.96
N LYS A 80 13.01 1.24 15.37
CA LYS A 80 11.58 1.39 15.23
C LYS A 80 11.29 1.71 13.77
N LEU A 81 10.69 0.76 13.05
CA LEU A 81 10.42 0.96 11.64
C LEU A 81 9.41 2.07 11.44
N ILE A 82 8.52 2.23 12.41
CA ILE A 82 7.56 3.32 12.42
C ILE A 82 7.98 4.22 13.57
N PRO A 83 8.43 5.44 13.27
CA PRO A 83 8.87 6.33 14.33
C PRO A 83 7.77 6.63 15.34
N GLU A 84 8.17 6.91 16.57
CA GLU A 84 7.24 7.23 17.65
C GLU A 84 6.54 8.56 17.38
N ASP A 85 7.25 9.53 16.84
CA ASP A 85 6.61 10.77 16.48
C ASP A 85 5.64 10.57 15.31
N PRO A 86 4.34 10.92 15.51
CA PRO A 86 3.35 10.58 14.47
C PRO A 86 3.54 11.31 13.15
N TRP A 87 4.08 12.53 13.19
CA TRP A 87 4.39 13.23 11.93
C TRP A 87 5.56 12.57 11.19
N GLU A 88 6.60 12.16 11.91
CA GLU A 88 7.72 11.42 11.34
CA GLU A 88 7.69 11.47 11.25
C GLU A 88 7.22 10.09 10.76
N ALA A 89 6.30 9.45 11.48
CA ALA A 89 5.73 8.18 11.02
C ALA A 89 5.00 8.36 9.68
N ALA A 90 4.21 9.43 9.59
CA ALA A 90 3.48 9.69 8.35
C ALA A 90 4.44 9.82 7.18
N ARG A 91 5.52 10.58 7.40
CA ARG A 91 6.51 10.81 6.34
C ARG A 91 7.17 9.49 5.96
N VAL A 92 7.49 8.66 6.96
CA VAL A 92 8.02 7.34 6.65
C VAL A 92 7.06 6.54 5.78
N ARG A 93 5.78 6.53 6.13
CA ARG A 93 4.79 5.82 5.31
C ARG A 93 4.62 6.44 3.91
N GLU A 94 4.61 7.75 3.83
CA GLU A 94 4.54 8.44 2.53
C GLU A 94 5.69 8.01 1.60
N ILE A 95 6.90 8.07 2.12
CA ILE A 95 8.08 7.71 1.32
C ILE A 95 7.96 6.29 0.79
N SER A 96 7.62 5.36 1.68
CA SER A 96 7.49 3.96 1.27
C SER A 96 6.42 3.74 0.22
N THR A 97 5.28 4.42 0.39
CA THR A 97 4.20 4.33 -0.61
C THR A 97 4.63 4.86 -1.97
N ILE A 98 5.26 6.02 -1.99
CA ILE A 98 5.72 6.58 -3.25
C ILE A 98 6.67 5.61 -3.96
N ILE A 99 7.63 5.08 -3.22
CA ILE A 99 8.57 4.13 -3.82
C ILE A 99 7.89 2.90 -4.38
N GLU A 100 6.95 2.32 -3.64
CA GLU A 100 6.31 1.10 -4.09
C GLU A 100 5.24 1.31 -5.16
N THR A 101 4.37 2.28 -4.93
CA THR A 101 3.18 2.44 -5.78
C THR A 101 3.44 3.26 -7.03
N TYR A 102 4.25 4.29 -6.93
CA TYR A 102 4.47 5.18 -8.03
C TYR A 102 5.81 4.98 -8.73
N LEU A 103 6.67 4.16 -8.17
CA LEU A 103 7.94 3.85 -8.82
C LEU A 103 8.04 2.40 -9.27
N ASP A 104 7.77 1.47 -8.36
CA ASP A 104 7.96 0.05 -8.67
C ASP A 104 6.84 -0.59 -9.50
N ILE A 105 5.60 -0.23 -9.20
CA ILE A 105 4.49 -0.81 -9.94
C ILE A 105 4.60 -0.46 -11.42
N PRO A 106 4.81 0.83 -11.71
CA PRO A 106 5.06 1.27 -13.09
C PRO A 106 6.24 0.53 -13.70
N ALA A 107 7.38 0.56 -13.03
CA ALA A 107 8.59 -0.11 -13.51
C ALA A 107 8.39 -1.60 -13.82
N ARG A 108 7.48 -2.25 -13.12
CA ARG A 108 7.22 -3.68 -13.33
C ARG A 108 6.55 -3.94 -14.67
N ARG A 109 5.91 -2.91 -15.22
CA ARG A 109 5.32 -2.99 -16.55
C ARG A 109 6.43 -3.37 -17.53
N ILE A 110 7.60 -2.80 -17.32
CA ILE A 110 8.75 -3.02 -18.18
C ILE A 110 9.58 -4.24 -17.76
N TYR A 111 10.26 -4.12 -16.62
CA TYR A 111 11.33 -5.05 -16.28
C TYR A 111 10.86 -6.46 -15.92
N LEU A 112 9.56 -6.68 -15.89
CA LEU A 112 9.05 -8.03 -15.65
C LEU A 112 8.90 -8.82 -16.96
N SER A 118 6.79 -2.71 -26.12
CA SER A 118 6.44 -1.52 -26.86
C SER A 118 7.27 -0.37 -26.41
N PRO A 119 8.14 0.12 -27.28
CA PRO A 119 9.01 1.23 -26.95
C PRO A 119 8.15 2.42 -26.62
N GLU A 120 6.92 2.43 -27.10
CA GLU A 120 6.01 3.47 -26.72
C GLU A 120 5.79 3.35 -25.23
N ILE A 121 5.56 2.13 -24.78
CA ILE A 121 5.32 1.86 -23.39
C ILE A 121 6.52 2.23 -22.56
N VAL A 122 7.68 2.12 -23.17
CA VAL A 122 8.95 2.49 -22.54
C VAL A 122 9.05 3.99 -22.28
N GLU A 123 8.36 4.78 -23.08
CA GLU A 123 8.33 6.23 -22.89
C GLU A 123 7.27 6.65 -21.89
N GLU A 124 6.11 6.00 -21.94
CA GLU A 124 5.08 6.26 -20.94
C GLU A 124 5.69 6.02 -19.57
N VAL A 125 6.17 4.80 -19.36
CA VAL A 125 6.81 4.43 -18.11
C VAL A 125 7.92 5.40 -17.75
N HIS A 126 8.67 5.88 -18.74
CA HIS A 126 9.78 6.78 -18.44
C HIS A 126 9.33 8.10 -17.82
N SER A 127 8.27 8.69 -18.37
CA SER A 127 7.80 9.96 -17.84
C SER A 127 7.13 9.76 -16.48
N THR A 128 6.44 8.65 -16.32
CA THR A 128 5.82 8.31 -15.04
C THR A 128 6.87 8.21 -13.94
N LEU A 129 7.97 7.53 -14.23
CA LEU A 129 9.06 7.35 -13.27
C LEU A 129 9.72 8.67 -12.90
N VAL A 130 9.96 9.50 -13.91
CA VAL A 130 10.54 10.81 -13.68
C VAL A 130 9.61 11.65 -12.79
N LYS A 131 8.32 11.52 -13.02
CA LYS A 131 7.35 12.18 -12.16
C LYS A 131 7.45 11.65 -10.70
N GLY A 132 7.50 10.33 -10.54
CA GLY A 132 7.61 9.73 -9.21
C GLY A 132 8.87 10.16 -8.47
N ILE A 133 9.98 10.25 -9.21
CA ILE A 133 11.26 10.62 -8.62
C ILE A 133 11.24 12.04 -8.09
N LYS A 134 10.73 12.96 -8.89
CA LYS A 134 10.65 14.36 -8.48
C LYS A 134 9.74 14.54 -7.27
N ALA A 135 8.69 13.71 -7.18
CA ALA A 135 7.85 13.69 -5.98
C ALA A 135 8.67 13.18 -4.80
N LEU A 136 9.29 12.02 -4.98
CA LEU A 136 10.15 11.41 -3.94
C LEU A 136 11.20 12.40 -3.47
N GLN A 137 11.87 13.06 -4.40
CA GLN A 137 12.89 14.04 -4.05
C GLN A 137 12.39 15.02 -2.99
N ARG A 138 11.09 15.30 -3.01
CA ARG A 138 10.54 16.29 -2.09
C ARG A 138 10.50 15.84 -0.61
N VAL A 139 10.39 14.53 -0.37
CA VAL A 139 10.23 14.06 1.02
C VAL A 139 11.45 13.34 1.62
N VAL A 140 12.41 12.95 0.79
CA VAL A 140 13.61 12.23 1.27
C VAL A 140 14.63 13.16 1.92
N ARG A 141 15.39 12.62 2.85
CA ARG A 141 16.42 13.39 3.56
C ARG A 141 17.83 12.80 3.39
N PHE A 142 17.93 11.47 3.38
CA PHE A 142 19.22 10.81 3.20
C PHE A 142 20.25 11.35 4.19
N SER A 143 19.96 11.31 5.48
CA SER A 143 20.81 11.97 6.45
C SER A 143 21.17 11.12 7.68
N PRO A 144 21.72 9.93 7.46
CA PRO A 144 22.07 9.32 6.19
C PRO A 144 21.00 8.40 5.65
N TYR A 145 20.03 8.01 6.47
CA TYR A 145 18.96 7.14 6.01
C TYR A 145 17.92 7.89 5.18
N ILE A 146 17.05 7.16 4.52
CA ILE A 146 16.19 7.83 3.55
C ILE A 146 15.28 8.90 4.16
N ALA A 147 14.81 8.68 5.39
CA ALA A 147 13.86 9.60 6.03
C ALA A 147 14.47 10.47 7.13
N GLY A 148 15.76 10.34 7.38
CA GLY A 148 16.38 11.03 8.50
C GLY A 148 17.60 10.30 9.03
N ASN A 149 17.90 10.47 10.32
CA ASN A 149 19.15 9.96 10.84
C ASN A 149 19.10 8.51 11.38
N VAL A 150 17.93 7.88 11.29
CA VAL A 150 17.77 6.50 11.76
C VAL A 150 17.07 5.59 10.73
N PHE A 151 17.37 4.30 10.79
CA PHE A 151 16.78 3.31 9.88
C PHE A 151 15.27 3.26 10.16
N THR A 152 14.45 3.23 9.12
CA THR A 152 13.00 3.09 9.30
C THR A 152 12.44 2.17 8.25
N LEU A 153 11.11 2.00 8.28
CA LEU A 153 10.41 1.25 7.25
C LEU A 153 10.76 1.76 5.84
N ALA A 154 10.93 3.06 5.72
CA ALA A 154 11.20 3.61 4.39
C ALA A 154 12.55 3.11 3.81
N ASP A 155 13.47 2.70 4.69
CA ASP A 155 14.75 2.14 4.20
C ASP A 155 14.57 0.71 3.71
N CYS A 156 13.63 -0.02 4.31
CA CYS A 156 13.33 -1.36 3.81
C CYS A 156 12.77 -1.27 2.40
N SER A 157 11.78 -0.40 2.21
CA SER A 157 11.22 -0.19 0.89
CA SER A 157 11.23 -0.25 0.88
C SER A 157 12.23 0.45 -0.05
N GLY A 158 12.91 1.48 0.44
CA GLY A 158 13.89 2.18 -0.39
C GLY A 158 15.01 1.26 -0.92
N PHE A 159 15.70 0.58 -0.01
CA PHE A 159 16.84 -0.22 -0.42
C PHE A 159 16.41 -1.42 -1.25
N ALA A 160 15.32 -2.07 -0.83
CA ALA A 160 14.79 -3.21 -1.54
C ALA A 160 14.34 -2.87 -2.97
N HIS A 161 13.56 -1.81 -3.12
CA HIS A 161 12.95 -1.49 -4.42
C HIS A 161 13.87 -0.69 -5.35
N LEU A 162 14.54 0.31 -4.79
CA LEU A 162 15.34 1.21 -5.61
C LEU A 162 16.59 0.54 -6.15
N SER A 163 17.14 -0.41 -5.40
CA SER A 163 18.31 -1.11 -5.88
C SER A 163 17.92 -1.91 -7.11
N VAL A 164 16.75 -2.54 -7.06
CA VAL A 164 16.23 -3.33 -8.17
C VAL A 164 15.86 -2.44 -9.36
N LEU A 165 15.24 -1.31 -9.05
CA LEU A 165 14.84 -0.36 -10.08
C LEU A 165 16.07 0.18 -10.81
N ASP A 166 17.11 0.48 -10.04
CA ASP A 166 18.35 0.98 -10.59
C ASP A 166 18.95 0.02 -11.63
N GLU A 167 19.27 -1.20 -11.20
CA GLU A 167 19.92 -2.16 -12.08
C GLU A 167 19.03 -2.55 -13.26
N GLU A 168 17.82 -2.99 -12.96
CA GLU A 168 16.89 -3.53 -13.96
C GLU A 168 16.49 -2.54 -15.06
N LEU A 169 16.78 -1.25 -14.86
CA LEU A 169 16.32 -0.23 -15.81
C LEU A 169 17.43 0.40 -16.64
N ARG A 170 18.69 0.15 -16.29
CA ARG A 170 19.82 0.70 -17.04
CA ARG A 170 19.79 0.71 -17.05
C ARG A 170 19.82 0.17 -18.48
N PRO A 171 19.33 -1.06 -18.67
CA PRO A 171 19.23 -1.64 -20.01
C PRO A 171 18.26 -0.85 -20.87
N PHE A 172 17.14 -0.45 -20.28
CA PHE A 172 16.18 0.44 -20.89
C PHE A 172 16.55 1.91 -21.04
N TYR A 173 17.21 2.50 -20.07
CA TYR A 173 17.40 3.94 -20.05
C TYR A 173 18.84 4.29 -19.80
N PRO A 174 19.67 4.09 -20.82
CA PRO A 174 21.14 4.20 -20.70
C PRO A 174 21.70 5.55 -20.27
N ASN A 175 21.21 6.66 -20.81
CA ASN A 175 21.70 7.95 -20.36
C ASN A 175 20.52 8.62 -19.78
N ASN A 176 19.43 7.87 -19.83
CA ASN A 176 18.13 8.33 -19.49
C ASN A 176 17.54 7.91 -18.13
N HIS A 177 18.33 7.28 -17.28
CA HIS A 177 17.79 6.66 -16.08
C HIS A 177 17.16 7.62 -15.11
N PRO A 178 15.89 7.38 -14.87
CA PRO A 178 15.11 8.17 -13.91
C PRO A 178 15.83 8.29 -12.57
N LEU A 179 16.37 7.19 -12.07
CA LEU A 179 17.02 7.19 -10.77
C LEU A 179 18.18 8.17 -10.66
N ASP A 180 18.81 8.46 -11.80
CA ASP A 180 19.91 9.42 -11.81
C ASP A 180 19.41 10.78 -11.35
N LEU A 181 18.10 10.97 -11.40
CA LEU A 181 17.50 12.24 -10.97
C LEU A 181 17.31 12.32 -9.45
N LEU A 182 17.32 11.18 -8.77
CA LEU A 182 17.20 11.16 -7.31
C LEU A 182 18.51 11.56 -6.60
N ASN A 183 18.57 12.84 -6.23
CA ASN A 183 19.69 13.41 -5.51
C ASN A 183 19.99 12.67 -4.20
N GLY A 184 21.11 11.96 -4.17
CA GLY A 184 21.53 11.28 -2.93
C GLY A 184 21.44 9.77 -2.98
N TRP A 185 20.78 9.25 -4.01
CA TRP A 185 20.59 7.80 -4.13
C TRP A 185 21.88 6.96 -4.20
N LYS A 186 22.86 7.40 -4.99
CA LYS A 186 24.05 6.58 -5.17
C LYS A 186 24.82 6.54 -3.86
N GLU A 187 24.94 7.68 -3.21
CA GLU A 187 25.64 7.78 -1.93
C GLU A 187 24.92 6.93 -0.86
N TYR A 188 23.59 7.00 -0.83
CA TYR A 188 22.79 6.22 0.12
C TYR A 188 22.98 4.74 -0.12
N PHE A 189 22.95 4.35 -1.38
CA PHE A 189 23.10 2.94 -1.74
C PHE A 189 24.47 2.40 -1.30
N VAL A 190 25.52 3.20 -1.50
CA VAL A 190 26.87 2.86 -1.01
C VAL A 190 26.91 2.79 0.51
N PHE A 191 26.35 3.79 1.18
CA PHE A 191 26.29 3.78 2.64
C PHE A 191 25.59 2.52 3.14
N MET A 192 24.41 2.22 2.60
CA MET A 192 23.66 1.04 3.06
C MET A 192 24.45 -0.25 2.91
N LYS A 193 25.23 -0.37 1.82
CA LYS A 193 26.03 -1.58 1.63
C LYS A 193 27.18 -1.71 2.62
N THR A 194 27.50 -0.65 3.36
CA THR A 194 28.49 -0.79 4.43
C THR A 194 27.90 -1.51 5.65
N LYS A 195 26.59 -1.74 5.61
CA LYS A 195 25.89 -2.34 6.73
C LYS A 195 25.69 -3.83 6.51
N ALA A 196 25.80 -4.59 7.60
CA ALA A 196 25.71 -6.06 7.53
C ALA A 196 24.40 -6.59 6.97
N GLY A 197 23.28 -6.01 7.40
CA GLY A 197 21.95 -6.45 6.94
C GLY A 197 21.73 -6.20 5.45
N PRO A 198 21.84 -4.94 5.01
CA PRO A 198 21.65 -4.70 3.57
C PRO A 198 22.67 -5.45 2.72
N ALA A 199 23.91 -5.56 3.18
CA ALA A 199 24.91 -6.35 2.45
C ALA A 199 24.48 -7.80 2.30
N LEU A 200 23.96 -8.38 3.38
CA LEU A 200 23.52 -9.79 3.36
C LEU A 200 22.34 -9.99 2.39
N VAL A 201 21.39 -9.05 2.42
CA VAL A 201 20.27 -9.11 1.48
C VAL A 201 20.76 -9.11 0.02
N GLU A 202 21.67 -8.19 -0.30
CA GLU A 202 22.29 -8.14 -1.63
C GLU A 202 23.03 -9.44 -1.95
N LYS A 203 23.75 -9.97 -0.96
CA LYS A 203 24.48 -11.21 -1.15
C LYS A 203 23.56 -12.41 -1.43
N ASP A 204 22.51 -12.59 -0.63
CA ASP A 204 21.57 -13.68 -0.86
C ASP A 204 20.91 -13.57 -2.24
N LYS A 205 20.64 -12.34 -2.66
CA LYS A 205 20.04 -12.07 -3.95
C LYS A 205 21.01 -12.50 -5.05
N GLN A 206 22.27 -12.12 -4.88
CA GLN A 206 23.33 -12.46 -5.83
C GLN A 206 23.57 -13.95 -5.96
N ILE A 207 23.63 -14.65 -4.83
CA ILE A 207 23.84 -16.08 -4.83
C ILE A 207 22.79 -16.81 -5.66
N LEU A 208 21.52 -16.47 -5.45
CA LEU A 208 20.44 -17.16 -6.14
C LEU A 208 20.40 -16.81 -7.64
N LYS A 209 20.64 -15.54 -7.94
CA LYS A 209 20.66 -15.08 -9.33
C LYS A 209 21.69 -15.88 -10.12
N LYS A 210 22.91 -15.95 -9.60
CA LYS A 210 23.98 -16.68 -10.27
C LYS A 210 23.56 -18.12 -10.55
N ILE A 211 22.90 -18.73 -9.57
CA ILE A 211 22.44 -20.10 -9.71
C ILE A 211 21.31 -20.26 -10.72
N LEU A 212 20.36 -19.33 -10.69
CA LEU A 212 19.22 -19.37 -11.61
C LEU A 212 19.68 -19.17 -13.07
N ALA A 213 20.62 -18.25 -13.26
CA ALA A 213 21.13 -17.96 -14.59
C ALA A 213 21.66 -19.20 -15.32
N ARG A 214 22.10 -20.20 -14.55
CA ARG A 214 22.62 -21.42 -15.16
CA ARG A 214 22.63 -21.43 -15.13
C ARG A 214 21.56 -22.53 -15.17
N ALA A 215 20.30 -22.14 -15.08
CA ALA A 215 19.18 -23.08 -15.14
C ALA A 215 19.62 -24.51 -14.81
N VAL B 2 -12.35 22.58 10.94
CA VAL B 2 -11.89 22.97 12.30
C VAL B 2 -10.37 22.87 12.41
N MET B 3 -9.89 22.03 13.31
CA MET B 3 -8.46 21.78 13.42
C MET B 3 -8.03 20.99 12.19
N ILE B 4 -8.96 20.26 11.58
CA ILE B 4 -8.67 19.40 10.44
C ILE B 4 -9.33 19.85 9.13
N LYS B 5 -8.54 19.91 8.07
CA LYS B 5 -9.07 20.14 6.75
C LYS B 5 -8.81 18.92 5.88
N LEU B 6 -9.82 18.47 5.18
CA LEU B 6 -9.65 17.38 4.26
C LEU B 6 -9.77 17.94 2.87
N HIS B 7 -8.65 17.97 2.17
CA HIS B 7 -8.61 18.51 0.81
C HIS B 7 -8.92 17.44 -0.22
N GLY B 8 -9.98 17.66 -0.98
CA GLY B 8 -10.35 16.78 -2.05
C GLY B 8 -11.86 16.59 -2.13
N ALA B 9 -12.35 16.43 -3.35
CA ALA B 9 -13.78 16.29 -3.62
C ALA B 9 -14.30 14.89 -3.27
N SER B 10 -15.62 14.78 -3.18
CA SER B 10 -16.31 13.55 -2.75
C SER B 10 -16.43 12.58 -3.90
N ILE B 11 -15.79 12.93 -5.02
CA ILE B 11 -15.79 12.09 -6.19
C ILE B 11 -14.69 11.02 -6.10
N SER B 12 -13.73 11.23 -5.21
CA SER B 12 -12.56 10.36 -5.09
C SER B 12 -12.78 9.24 -4.07
N ASN B 13 -12.56 8.00 -4.48
CA ASN B 13 -12.62 6.87 -3.55
C ASN B 13 -11.70 7.07 -2.37
N TYR B 14 -10.51 7.56 -2.67
CA TYR B 14 -9.47 7.72 -1.67
C TYR B 14 -9.83 8.81 -0.69
N VAL B 15 -10.45 9.89 -1.18
CA VAL B 15 -10.95 10.92 -0.27
C VAL B 15 -12.04 10.35 0.65
N ASN B 16 -12.94 9.57 0.07
CA ASN B 16 -14.04 8.99 0.82
C ASN B 16 -13.56 8.00 1.88
N LYS B 17 -12.52 7.25 1.54
CA LYS B 17 -11.81 6.42 2.51
C LYS B 17 -11.43 7.19 3.78
N VAL B 18 -10.72 8.31 3.60
CA VAL B 18 -10.34 9.14 4.74
C VAL B 18 -11.56 9.73 5.46
N LYS B 19 -12.51 10.23 4.67
CA LYS B 19 -13.70 10.89 5.21
C LYS B 19 -14.46 9.94 6.13
N LEU B 20 -14.57 8.67 5.73
CA LEU B 20 -15.21 7.66 6.59
C LEU B 20 -14.55 7.56 7.96
N GLY B 21 -13.22 7.48 8.00
CA GLY B 21 -12.54 7.35 9.28
C GLY B 21 -12.71 8.59 10.14
N ILE B 22 -12.66 9.75 9.51
CA ILE B 22 -12.83 11.00 10.24
C ILE B 22 -14.23 11.06 10.87
N LEU B 23 -15.25 10.72 10.09
CA LEU B 23 -16.60 10.80 10.59
C LEU B 23 -16.82 9.79 11.74
N GLU B 24 -16.28 8.59 11.58
CA GLU B 24 -16.51 7.54 12.59
C GLU B 24 -15.84 7.88 13.91
N LYS B 25 -14.75 8.65 13.83
CA LYS B 25 -14.03 9.11 15.01
C LYS B 25 -14.73 10.30 15.68
N GLY B 26 -15.72 10.89 15.01
CA GLY B 26 -16.44 12.03 15.56
C GLY B 26 -15.57 13.26 15.60
N LEU B 27 -14.69 13.40 14.61
CA LEU B 27 -13.76 14.51 14.60
C LEU B 27 -14.34 15.69 13.84
N GLU B 28 -14.04 16.89 14.30
CA GLU B 28 -14.44 18.09 13.58
C GLU B 28 -13.49 18.33 12.42
N TYR B 29 -14.05 18.62 11.26
CA TYR B 29 -13.25 18.80 10.08
C TYR B 29 -13.99 19.64 9.07
N GLU B 30 -13.26 20.19 8.12
CA GLU B 30 -13.87 20.85 6.99
C GLU B 30 -13.36 20.19 5.73
N GLN B 31 -14.26 19.83 4.81
CA GLN B 31 -13.85 19.27 3.53
C GLN B 31 -13.67 20.38 2.49
N ILE B 32 -12.48 20.46 1.90
CA ILE B 32 -12.20 21.45 0.88
C ILE B 32 -12.35 20.79 -0.47
N ARG B 33 -13.34 21.22 -1.24
CA ARG B 33 -13.69 20.45 -2.42
C ARG B 33 -12.89 20.85 -3.66
N ILE B 34 -11.80 20.13 -3.90
CA ILE B 34 -10.92 20.43 -5.03
C ILE B 34 -10.62 19.19 -5.84
N ALA B 35 -10.13 19.39 -7.05
CA ALA B 35 -9.69 18.30 -7.90
C ALA B 35 -8.19 18.13 -7.72
N PRO B 36 -7.67 16.96 -8.10
CA PRO B 36 -6.22 16.81 -8.12
C PRO B 36 -5.62 17.83 -9.08
N SER B 37 -4.38 18.25 -8.82
CA SER B 37 -3.72 19.23 -9.67
C SER B 37 -2.22 18.95 -9.74
N GLN B 38 -1.61 19.30 -10.88
CA GLN B 38 -0.17 19.22 -11.04
C GLN B 38 0.49 20.59 -10.90
N GLU B 39 -0.26 21.55 -10.38
CA GLU B 39 0.25 22.89 -10.09
C GLU B 39 1.34 22.85 -9.01
N GLU B 40 2.49 23.42 -9.32
CA GLU B 40 3.63 23.41 -8.42
C GLU B 40 3.26 23.71 -6.96
N ASP B 41 2.33 24.63 -6.76
CA ASP B 41 1.98 25.03 -5.41
C ASP B 41 1.15 23.97 -4.69
N PHE B 42 0.46 23.13 -5.46
CA PHE B 42 -0.23 22.00 -4.87
C PHE B 42 0.76 20.84 -4.66
N LEU B 43 1.71 20.71 -5.57
CA LEU B 43 2.74 19.68 -5.47
C LEU B 43 3.63 19.84 -4.24
N LYS B 44 3.70 21.07 -3.72
CA LYS B 44 4.48 21.35 -2.51
C LYS B 44 3.87 20.68 -1.28
N ILE B 45 2.54 20.53 -1.27
CA ILE B 45 1.87 19.84 -0.17
C ILE B 45 1.48 18.41 -0.54
N SER B 46 1.45 18.12 -1.84
CA SER B 46 1.05 16.81 -2.31
C SER B 46 1.85 16.44 -3.56
N PRO B 47 3.09 15.95 -3.34
CA PRO B 47 4.10 15.72 -4.38
C PRO B 47 3.63 15.00 -5.62
N MET B 48 2.67 14.09 -5.50
CA MET B 48 2.15 13.40 -6.69
C MET B 48 0.97 14.14 -7.30
N GLY B 49 0.54 15.23 -6.65
CA GLY B 49 -0.61 16.00 -7.13
C GLY B 49 -1.95 15.31 -6.89
N LYS B 50 -2.00 14.45 -5.87
CA LYS B 50 -3.20 13.64 -5.62
C LYS B 50 -4.04 14.21 -4.48
N ILE B 51 -5.29 13.74 -4.41
CA ILE B 51 -6.10 13.97 -3.24
C ILE B 51 -6.45 12.59 -2.70
N PRO B 52 -6.71 12.49 -1.40
CA PRO B 52 -6.84 13.59 -0.46
C PRO B 52 -5.52 14.06 0.14
N VAL B 53 -5.58 15.23 0.76
CA VAL B 53 -4.49 15.73 1.58
C VAL B 53 -5.13 16.09 2.89
N LEU B 54 -4.55 15.63 3.98
CA LEU B 54 -5.02 16.04 5.29
C LEU B 54 -4.19 17.22 5.75
N GLU B 55 -4.84 18.22 6.34
CA GLU B 55 -4.13 19.37 6.85
C GLU B 55 -4.49 19.60 8.30
N MET B 56 -3.47 19.77 9.13
CA MET B 56 -3.69 19.95 10.55
C MET B 56 -2.45 20.62 11.16
N ASP B 57 -2.64 21.66 11.98
CA ASP B 57 -1.52 22.35 12.59
C ASP B 57 -0.56 22.95 11.56
N GLY B 58 -1.10 23.37 10.42
CA GLY B 58 -0.27 23.91 9.33
C GLY B 58 0.60 22.87 8.64
N LYS B 59 0.33 21.59 8.90
CA LYS B 59 1.10 20.53 8.26
C LYS B 59 0.23 19.55 7.44
N PHE B 60 0.85 18.88 6.48
CA PHE B 60 0.11 18.11 5.50
C PHE B 60 0.55 16.64 5.48
N ILE B 61 -0.40 15.75 5.21
CA ILE B 61 -0.15 14.34 4.94
C ILE B 61 -0.92 13.97 3.68
N PHE B 62 -0.26 13.30 2.74
CA PHE B 62 -0.80 13.22 1.37
C PHE B 62 -1.06 11.82 0.80
N GLU B 63 -1.04 10.81 1.66
CA GLU B 63 -1.35 9.45 1.26
C GLU B 63 -2.48 8.95 2.14
N SER B 64 -3.51 8.36 1.54
CA SER B 64 -4.70 8.03 2.32
C SER B 64 -4.39 7.01 3.43
N GLY B 65 -3.52 6.05 3.13
CA GLY B 65 -3.04 5.10 4.15
C GLY B 65 -2.31 5.80 5.28
N ALA B 66 -1.31 6.62 4.95
CA ALA B 66 -0.58 7.40 5.96
C ALA B 66 -1.51 8.29 6.76
N ILE B 67 -2.51 8.88 6.10
CA ILE B 67 -3.46 9.74 6.81
C ILE B 67 -4.23 9.03 7.93
N LEU B 68 -4.81 7.86 7.60
CA LEU B 68 -5.63 7.14 8.58
C LEU B 68 -4.80 6.49 9.70
N GLU B 69 -3.59 6.01 9.36
CA GLU B 69 -2.65 5.53 10.38
C GLU B 69 -2.29 6.66 11.33
N PHE B 70 -2.13 7.86 10.78
CA PHE B 70 -1.83 9.04 11.58
C PHE B 70 -2.98 9.45 12.51
N LEU B 71 -4.19 9.52 11.97
CA LEU B 71 -5.37 9.81 12.78
C LEU B 71 -5.54 8.81 13.91
N ASP B 72 -5.34 7.53 13.60
CA ASP B 72 -5.36 6.38 14.53
CA ASP B 72 -5.51 6.55 14.63
C ASP B 72 -4.42 6.60 15.70
N THR B 73 -3.24 7.11 15.35
CA THR B 73 -2.19 7.31 16.33
C THR B 73 -2.47 8.54 17.17
N ILE B 74 -2.83 9.66 16.54
CA ILE B 74 -3.11 10.85 17.35
C ILE B 74 -4.51 10.90 17.98
N PHE B 75 -5.45 10.12 17.48
CA PHE B 75 -6.76 9.98 18.14
C PHE B 75 -7.06 8.51 18.40
N PRO B 76 -6.44 7.95 19.45
CA PRO B 76 -6.42 6.51 19.69
C PRO B 76 -7.70 5.92 20.31
N GLN B 77 -8.70 6.75 20.54
CA GLN B 77 -9.94 6.30 21.15
C GLN B 77 -10.80 5.53 20.15
N THR B 78 -11.59 4.61 20.68
CA THR B 78 -12.59 3.87 19.93
C THR B 78 -13.42 4.79 19.04
N PRO B 79 -13.64 4.38 17.78
CA PRO B 79 -13.14 3.11 17.27
C PRO B 79 -11.67 3.20 16.85
N LYS B 80 -10.90 2.19 17.24
CA LYS B 80 -9.51 2.12 16.86
CA LYS B 80 -9.51 2.11 16.86
C LYS B 80 -9.41 1.60 15.43
N LEU B 81 -8.99 2.47 14.52
CA LEU B 81 -8.87 2.06 13.13
C LEU B 81 -7.92 0.88 13.00
N ILE B 82 -6.89 0.85 13.84
CA ILE B 82 -5.96 -0.29 13.86
C ILE B 82 -6.19 -1.07 15.17
N PRO B 83 -6.68 -2.32 15.07
CA PRO B 83 -6.93 -3.09 16.32
C PRO B 83 -5.72 -3.18 17.25
N GLU B 84 -5.99 -3.26 18.56
CA GLU B 84 -4.92 -3.49 19.55
C GLU B 84 -4.28 -4.87 19.45
N ASP B 85 -5.07 -5.87 19.07
CA ASP B 85 -4.55 -7.20 18.83
C ASP B 85 -3.72 -7.18 17.52
N PRO B 86 -2.43 -7.52 17.62
CA PRO B 86 -1.57 -7.36 16.46
C PRO B 86 -1.92 -8.27 15.29
N TRP B 87 -2.46 -9.43 15.55
CA TRP B 87 -2.94 -10.30 14.50
C TRP B 87 -4.16 -9.76 13.80
N GLU B 88 -5.05 -9.18 14.56
CA GLU B 88 -6.25 -8.56 14.01
C GLU B 88 -5.84 -7.32 13.22
N ALA B 89 -4.85 -6.58 13.72
CA ALA B 89 -4.35 -5.43 12.96
C ALA B 89 -3.76 -5.88 11.60
N ALA B 90 -3.03 -6.98 11.57
CA ALA B 90 -2.47 -7.46 10.29
C ALA B 90 -3.60 -7.78 9.31
N ARG B 91 -4.67 -8.39 9.82
CA ARG B 91 -5.81 -8.75 8.98
C ARG B 91 -6.46 -7.51 8.38
N VAL B 92 -6.59 -6.48 9.20
CA VAL B 92 -7.17 -5.21 8.76
C VAL B 92 -6.33 -4.55 7.66
N ARG B 93 -5.02 -4.51 7.85
CA ARG B 93 -4.15 -3.92 6.83
C ARG B 93 -4.18 -4.77 5.56
N GLU B 94 -4.23 -6.09 5.73
CA GLU B 94 -4.28 -7.00 4.56
C GLU B 94 -5.54 -6.78 3.69
N ILE B 95 -6.67 -6.68 4.35
CA ILE B 95 -7.95 -6.45 3.67
C ILE B 95 -7.93 -5.15 2.89
N SER B 96 -7.42 -4.10 3.51
CA SER B 96 -7.35 -2.79 2.86
CA SER B 96 -7.33 -2.78 2.88
C SER B 96 -6.44 -2.86 1.65
N THR B 97 -5.32 -3.55 1.79
CA THR B 97 -4.36 -3.68 0.68
C THR B 97 -4.90 -4.52 -0.49
N ILE B 98 -5.59 -5.62 -0.18
CA ILE B 98 -6.18 -6.45 -1.24
C ILE B 98 -7.19 -5.63 -2.06
N ILE B 99 -8.07 -4.93 -1.35
CA ILE B 99 -9.10 -4.09 -2.00
C ILE B 99 -8.48 -3.04 -2.92
N GLU B 100 -7.48 -2.30 -2.43
CA GLU B 100 -6.90 -1.22 -3.21
C GLU B 100 -6.00 -1.70 -4.33
N THR B 101 -5.07 -2.59 -4.02
CA THR B 101 -4.04 -2.99 -4.97
C THR B 101 -4.55 -4.01 -5.98
N TYR B 102 -5.37 -4.96 -5.51
CA TYR B 102 -5.76 -6.09 -6.34
C TYR B 102 -7.16 -5.97 -6.93
N LEU B 103 -7.94 -5.01 -6.45
CA LEU B 103 -9.30 -4.81 -6.96
C LEU B 103 -9.48 -3.45 -7.63
N ASP B 104 -9.23 -2.39 -6.87
CA ASP B 104 -9.42 -1.03 -7.39
C ASP B 104 -8.46 -0.69 -8.53
N ILE B 105 -7.16 -0.89 -8.32
CA ILE B 105 -6.18 -0.57 -9.35
C ILE B 105 -6.54 -1.20 -10.69
N PRO B 106 -6.73 -2.52 -10.71
CA PRO B 106 -7.13 -3.19 -11.95
C PRO B 106 -8.44 -2.65 -12.52
N ALA B 107 -9.43 -2.44 -11.66
CA ALA B 107 -10.73 -1.93 -12.10
C ALA B 107 -10.61 -0.55 -12.72
N ARG B 108 -9.47 0.10 -12.51
CA ARG B 108 -9.24 1.42 -13.07
C ARG B 108 -8.76 1.36 -14.53
N ARG B 109 -8.72 0.15 -15.08
CA ARG B 109 -8.50 -0.02 -16.52
C ARG B 109 -9.81 0.18 -17.26
N ILE B 110 -10.91 -0.09 -16.56
CA ILE B 110 -12.25 0.07 -17.12
C ILE B 110 -12.89 1.41 -16.73
N TYR B 111 -12.22 2.18 -15.88
CA TYR B 111 -12.74 3.49 -15.46
C TYR B 111 -11.65 4.35 -14.85
N SER B 118 -10.14 -2.97 -25.29
CA SER B 118 -11.42 -2.62 -24.69
C SER B 118 -12.24 -3.86 -24.37
N PRO B 119 -12.65 -4.64 -25.37
CA PRO B 119 -13.33 -5.91 -25.09
C PRO B 119 -12.37 -6.88 -24.44
N GLU B 120 -11.15 -6.88 -24.97
CA GLU B 120 -10.11 -7.75 -24.47
C GLU B 120 -9.82 -7.41 -23.03
N ILE B 121 -9.73 -6.12 -22.77
CA ILE B 121 -9.45 -5.64 -21.43
C ILE B 121 -10.59 -5.94 -20.51
N VAL B 122 -11.79 -5.80 -20.99
CA VAL B 122 -12.88 -6.04 -20.11
C VAL B 122 -12.75 -7.47 -19.70
N GLU B 123 -12.41 -8.33 -20.63
CA GLU B 123 -12.29 -9.74 -20.27
C GLU B 123 -11.13 -10.07 -19.36
N GLU B 124 -10.02 -9.42 -19.60
CA GLU B 124 -8.81 -9.64 -18.87
C GLU B 124 -9.03 -9.07 -17.50
N VAL B 125 -9.70 -7.93 -17.46
CA VAL B 125 -9.93 -7.31 -16.17
C VAL B 125 -10.93 -8.10 -15.33
N HIS B 126 -11.95 -8.66 -15.96
CA HIS B 126 -12.94 -9.42 -15.22
C HIS B 126 -12.32 -10.62 -14.52
N SER B 127 -11.31 -11.22 -15.13
CA SER B 127 -10.67 -12.39 -14.53
C SER B 127 -9.77 -12.01 -13.35
N THR B 128 -9.12 -10.87 -13.45
CA THR B 128 -8.26 -10.36 -12.38
C THR B 128 -9.10 -10.08 -11.12
N LEU B 129 -10.25 -9.45 -11.32
CA LEU B 129 -11.16 -9.12 -10.23
C LEU B 129 -11.75 -10.36 -9.57
N VAL B 130 -12.09 -11.37 -10.37
CA VAL B 130 -12.58 -12.64 -9.85
C VAL B 130 -11.55 -13.26 -8.91
N LYS B 131 -10.31 -13.30 -9.36
CA LYS B 131 -9.21 -13.81 -8.54
C LYS B 131 -9.08 -12.97 -7.27
N GLY B 132 -9.06 -11.65 -7.42
CA GLY B 132 -8.96 -10.76 -6.27
C GLY B 132 -10.10 -10.94 -5.28
N ILE B 133 -11.31 -11.13 -5.81
CA ILE B 133 -12.48 -11.32 -4.95
C ILE B 133 -12.45 -12.66 -4.22
N LYS B 134 -12.02 -13.71 -4.91
CA LYS B 134 -11.91 -15.00 -4.25
C LYS B 134 -10.86 -14.99 -3.14
N ALA B 135 -9.81 -14.18 -3.30
CA ALA B 135 -8.81 -14.02 -2.24
C ALA B 135 -9.34 -13.22 -1.05
N LEU B 136 -9.98 -12.09 -1.33
CA LEU B 136 -10.60 -11.28 -0.28
C LEU B 136 -11.51 -12.14 0.58
N GLN B 137 -12.23 -13.04 -0.07
CA GLN B 137 -13.20 -13.90 0.62
C GLN B 137 -12.58 -14.67 1.78
N ARG B 138 -11.26 -14.90 1.72
CA ARG B 138 -10.59 -15.71 2.72
C ARG B 138 -10.22 -14.96 4.00
N VAL B 139 -10.28 -13.62 3.97
CA VAL B 139 -9.85 -12.84 5.13
C VAL B 139 -10.96 -11.99 5.74
N VAL B 140 -12.03 -11.76 4.99
CA VAL B 140 -13.15 -10.99 5.49
C VAL B 140 -14.01 -11.82 6.43
N ARG B 141 -14.63 -11.14 7.39
CA ARG B 141 -15.55 -11.77 8.34
C ARG B 141 -16.98 -11.24 8.18
N PHE B 142 -17.12 -9.96 7.81
CA PHE B 142 -18.44 -9.33 7.72
C PHE B 142 -19.30 -9.70 8.93
N SER B 143 -18.84 -9.42 10.14
CA SER B 143 -19.58 -9.84 11.33
C SER B 143 -19.79 -8.78 12.40
N PRO B 144 -20.41 -7.65 12.03
CA PRO B 144 -20.91 -7.31 10.71
C PRO B 144 -19.94 -6.49 9.86
N TYR B 145 -18.91 -5.94 10.50
CA TYR B 145 -17.93 -5.14 9.78
C TYR B 145 -17.01 -6.03 8.96
N ILE B 146 -16.27 -5.43 8.02
CA ILE B 146 -15.53 -6.25 7.05
C ILE B 146 -14.48 -7.19 7.67
N ALA B 147 -13.77 -6.71 8.69
CA ALA B 147 -12.74 -7.54 9.35
C ALA B 147 -13.24 -8.27 10.60
N GLY B 148 -14.46 -7.97 11.04
CA GLY B 148 -14.93 -8.49 12.32
C GLY B 148 -16.10 -7.74 12.92
N ASN B 149 -16.09 -7.60 14.24
CA ASN B 149 -17.27 -7.09 14.92
C ASN B 149 -17.21 -5.61 15.27
N VAL B 150 -16.11 -4.94 14.92
CA VAL B 150 -15.98 -3.50 15.14
C VAL B 150 -15.46 -2.78 13.90
N PHE B 151 -15.77 -1.49 13.80
CA PHE B 151 -15.32 -0.68 12.66
C PHE B 151 -13.79 -0.55 12.70
N THR B 152 -13.13 -0.72 11.54
CA THR B 152 -11.68 -0.52 11.48
C THR B 152 -11.30 0.20 10.18
N LEU B 153 -10.01 0.44 10.01
CA LEU B 153 -9.48 1.02 8.77
CA LEU B 153 -9.49 1.02 8.78
C LEU B 153 -9.97 0.25 7.55
N ALA B 154 -10.16 -1.06 7.71
CA ALA B 154 -10.59 -1.89 6.56
C ALA B 154 -12.00 -1.56 6.09
N ASP B 155 -12.84 -1.08 6.99
CA ASP B 155 -14.16 -0.60 6.59
C ASP B 155 -14.07 0.71 5.81
N CYS B 156 -13.06 1.52 6.14
CA CYS B 156 -12.81 2.75 5.36
C CYS B 156 -12.50 2.40 3.90
N SER B 157 -11.56 1.48 3.71
CA SER B 157 -11.19 1.05 2.36
C SER B 157 -12.33 0.26 1.70
N GLY B 158 -12.95 -0.61 2.47
CA GLY B 158 -14.01 -1.47 1.93
C GLY B 158 -15.23 -0.70 1.43
N PHE B 159 -15.80 0.16 2.28
CA PHE B 159 -16.99 0.86 1.86
C PHE B 159 -16.67 1.87 0.77
N ALA B 160 -15.51 2.51 0.85
CA ALA B 160 -15.18 3.54 -0.14
C ALA B 160 -14.95 2.90 -1.51
N HIS B 161 -14.16 1.84 -1.55
CA HIS B 161 -13.75 1.26 -2.84
C HIS B 161 -14.75 0.29 -3.45
N LEU B 162 -15.36 -0.53 -2.61
CA LEU B 162 -16.23 -1.59 -3.11
C LEU B 162 -17.61 -1.07 -3.54
N SER B 163 -18.05 0.02 -2.93
CA SER B 163 -19.35 0.60 -3.33
C SER B 163 -19.22 1.16 -4.75
N VAL B 164 -18.04 1.70 -5.04
CA VAL B 164 -17.68 2.17 -6.35
C VAL B 164 -17.48 1.09 -7.38
N LEU B 165 -16.83 0.03 -6.98
CA LEU B 165 -16.59 -1.04 -7.88
C LEU B 165 -17.90 -1.64 -8.26
N ASP B 166 -18.74 -1.87 -7.29
CA ASP B 166 -19.96 -2.54 -7.60
C ASP B 166 -20.81 -1.77 -8.54
N GLU B 167 -21.05 -0.52 -8.23
CA GLU B 167 -21.88 0.32 -9.08
C GLU B 167 -21.28 0.58 -10.41
N GLU B 168 -19.98 0.83 -10.41
CA GLU B 168 -19.37 1.30 -11.61
C GLU B 168 -19.21 0.20 -12.59
N LEU B 169 -19.42 -1.00 -12.15
CA LEU B 169 -19.17 -2.14 -13.03
C LEU B 169 -20.41 -3.02 -13.23
N ARG B 170 -21.55 -2.56 -12.73
CA ARG B 170 -22.79 -3.31 -12.82
C ARG B 170 -23.30 -3.40 -14.26
N PRO B 171 -22.95 -2.40 -15.10
CA PRO B 171 -23.31 -2.41 -16.51
C PRO B 171 -22.35 -3.25 -17.35
N PHE B 172 -21.07 -3.21 -17.06
CA PHE B 172 -20.16 -4.07 -17.80
C PHE B 172 -20.29 -5.53 -17.52
N TYR B 173 -20.73 -5.89 -16.33
CA TYR B 173 -20.86 -7.28 -15.98
C TYR B 173 -22.23 -7.46 -15.42
N PRO B 174 -23.17 -7.37 -16.32
CA PRO B 174 -24.58 -7.38 -15.98
C PRO B 174 -25.01 -8.66 -15.34
N ASN B 175 -24.59 -9.81 -15.83
CA ASN B 175 -24.96 -11.05 -15.18
C ASN B 175 -23.71 -11.72 -14.66
N ASN B 176 -22.59 -11.04 -14.86
CA ASN B 176 -21.25 -11.51 -14.56
C ASN B 176 -20.50 -10.83 -13.39
N HIS B 177 -21.15 -10.03 -12.54
CA HIS B 177 -20.42 -9.16 -11.62
C HIS B 177 -19.56 -9.90 -10.59
N PRO B 178 -18.23 -9.72 -10.69
CA PRO B 178 -17.26 -10.38 -9.81
C PRO B 178 -17.59 -10.16 -8.33
N LEU B 179 -18.02 -8.95 -7.99
CA LEU B 179 -18.36 -8.63 -6.61
C LEU B 179 -19.56 -9.45 -6.13
N ASP B 180 -20.28 -10.04 -7.08
CA ASP B 180 -21.40 -10.92 -6.75
C ASP B 180 -20.90 -12.22 -6.10
N LEU B 181 -19.62 -12.52 -6.29
CA LEU B 181 -19.01 -13.71 -5.71
C LEU B 181 -18.57 -13.48 -4.27
N LEU B 182 -18.54 -12.21 -3.86
CA LEU B 182 -18.14 -11.87 -2.49
C LEU B 182 -19.30 -12.02 -1.52
N ASN B 183 -19.37 -13.19 -0.88
CA ASN B 183 -20.41 -13.48 0.09
CA ASN B 183 -20.42 -13.45 0.08
C ASN B 183 -20.36 -12.50 1.27
N GLY B 184 -21.49 -11.84 1.54
CA GLY B 184 -21.58 -10.92 2.66
C GLY B 184 -21.64 -9.46 2.22
N TRP B 185 -21.23 -9.20 0.99
CA TRP B 185 -21.09 -7.82 0.49
C TRP B 185 -22.39 -7.00 0.40
N LYS B 186 -23.40 -7.52 -0.29
CA LYS B 186 -24.64 -6.78 -0.45
C LYS B 186 -25.21 -6.40 0.91
N GLU B 187 -25.19 -7.36 1.83
CA GLU B 187 -25.69 -7.16 3.18
C GLU B 187 -24.81 -6.21 4.02
N TYR B 188 -23.49 -6.28 3.82
CA TYR B 188 -22.57 -5.35 4.46
C TYR B 188 -22.83 -3.93 3.97
N PHE B 189 -23.00 -3.79 2.66
CA PHE B 189 -23.27 -2.52 2.01
C PHE B 189 -24.54 -1.87 2.57
N VAL B 190 -25.60 -2.68 2.71
CA VAL B 190 -26.84 -2.21 3.30
C VAL B 190 -26.64 -1.80 4.75
N PHE B 191 -25.98 -2.65 5.52
CA PHE B 191 -25.70 -2.34 6.92
C PHE B 191 -24.90 -1.04 7.07
N MET B 192 -23.80 -0.91 6.34
CA MET B 192 -22.99 0.32 6.43
C MET B 192 -23.84 1.56 6.13
N LYS B 193 -24.71 1.47 5.12
CA LYS B 193 -25.57 2.61 4.76
C LYS B 193 -26.57 3.01 5.86
N THR B 194 -26.82 2.14 6.84
CA THR B 194 -27.67 2.53 7.96
C THR B 194 -26.94 3.41 8.96
N LYS B 195 -25.61 3.41 8.90
CA LYS B 195 -24.78 4.20 9.82
C LYS B 195 -24.62 5.64 9.34
N ALA B 196 -24.52 6.58 10.27
CA ALA B 196 -24.53 8.01 9.93
C ALA B 196 -23.32 8.42 9.06
N GLY B 197 -22.12 7.98 9.44
CA GLY B 197 -20.92 8.32 8.67
C GLY B 197 -20.98 7.81 7.23
N PRO B 198 -21.14 6.50 7.06
CA PRO B 198 -21.18 6.05 5.68
C PRO B 198 -22.38 6.58 4.89
N ALA B 199 -23.51 6.82 5.55
CA ALA B 199 -24.66 7.40 4.85
C ALA B 199 -24.36 8.81 4.35
N LEU B 200 -23.69 9.63 5.16
CA LEU B 200 -23.25 10.94 4.70
C LEU B 200 -22.27 10.85 3.53
N VAL B 201 -21.28 9.95 3.65
CA VAL B 201 -20.34 9.77 2.56
C VAL B 201 -21.04 9.42 1.25
N GLU B 202 -21.98 8.47 1.34
CA GLU B 202 -22.74 8.03 0.16
C GLU B 202 -23.61 9.17 -0.38
N LYS B 203 -24.23 9.91 0.53
CA LYS B 203 -25.08 11.02 0.12
C LYS B 203 -24.30 12.08 -0.67
N ASP B 204 -23.16 12.52 -0.13
CA ASP B 204 -22.34 13.52 -0.83
C ASP B 204 -21.89 13.03 -2.19
N LYS B 205 -21.55 11.74 -2.29
CA LYS B 205 -21.13 11.18 -3.58
C LYS B 205 -22.27 11.18 -4.59
N GLN B 206 -23.45 10.75 -4.16
CA GLN B 206 -24.64 10.72 -5.01
C GLN B 206 -25.04 12.12 -5.49
N ILE B 207 -24.96 13.10 -4.60
CA ILE B 207 -25.27 14.47 -4.97
C ILE B 207 -24.31 14.94 -6.07
N LEU B 208 -23.02 14.72 -5.84
CA LEU B 208 -22.03 15.13 -6.79
C LEU B 208 -22.27 14.46 -8.14
N LYS B 209 -22.69 13.19 -8.12
CA LYS B 209 -22.92 12.46 -9.36
C LYS B 209 -24.20 12.87 -10.09
N LYS B 210 -25.22 13.29 -9.35
CA LYS B 210 -26.42 13.86 -9.96
C LYS B 210 -26.07 15.21 -10.60
N ILE B 211 -25.27 16.00 -9.88
CA ILE B 211 -24.82 17.32 -10.36
C ILE B 211 -24.05 17.20 -11.65
N LEU B 212 -23.03 16.35 -11.65
CA LEU B 212 -22.17 16.20 -12.82
C LEU B 212 -22.89 15.42 -13.93
N ALA B 213 -24.04 14.84 -13.61
CA ALA B 213 -24.82 14.11 -14.60
C ALA B 213 -26.28 14.52 -14.57
#